data_1B3Y
#
_entry.id   1B3Y
#
_cell.length_a   81.340
_cell.length_b   81.340
_cell.length_c   113.240
_cell.angle_alpha   90.00
_cell.angle_beta   90.00
_cell.angle_gamma   120.00
#
_symmetry.space_group_name_H-M   'P 31 2 1'
#
loop_
_entity.id
_entity.type
_entity.pdbx_description
1 polymer 'PROTEIN (XYLANASE)'
2 branched beta-D-xylopyranose-(1-4)-beta-D-xylopyranose-(1-4)-beta-D-xylopyranose
3 non-polymer alpha-D-xylopyranose
4 water water
#
_entity_poly.entity_id   1
_entity_poly.type   'polypeptide(L)'
_entity_poly.pdbx_seq_one_letter_code
;(PCA)ASVSIDAKFKAHGKKYLGTIGDQYTLTKNTKNPAIIKADFGQLTPENSMKWDATEPNRGQFTFSGSDYLVNFAQS
NGKLIRGHTLVWHSQLPGWVSSITDKNTLISVLKNHITTVMTRYKGKIYAWDVLNEIFNEDGSLRNSVFYNVIGEDYVRI
AFETARSVDPNAKLYINDYNLDSAGYSKVNGMVSHVKKWLAAGIPIDGIGSQTHLGAGAGSAVAGALNALASAGTKEIAI
TELDIAGASSTDYVNVVNACLNQAKCVGITVWGVADPDSWRSSSSPLLFDGNYNPKAAYNAIANAL
;
_entity_poly.pdbx_strand_id   A
#
# COMPACT_ATOMS: atom_id res chain seq x y z
N ALA A 2 10.37 -3.46 -20.46
CA ALA A 2 9.50 -3.99 -21.50
C ALA A 2 9.14 -2.80 -22.38
N SER A 3 9.05 -3.04 -23.68
CA SER A 3 8.73 -2.01 -24.67
C SER A 3 7.41 -1.30 -24.37
N VAL A 4 6.39 -2.09 -24.08
CA VAL A 4 5.06 -1.59 -23.77
C VAL A 4 4.94 -1.35 -22.28
N SER A 5 4.65 -0.11 -21.88
CA SER A 5 4.48 0.22 -20.48
C SER A 5 3.06 -0.07 -20.02
N ILE A 6 2.88 -1.05 -19.14
CA ILE A 6 1.52 -1.33 -18.68
C ILE A 6 0.94 -0.16 -17.89
N ASP A 7 1.79 0.72 -17.38
CA ASP A 7 1.30 1.88 -16.64
C ASP A 7 0.66 2.86 -17.62
N ALA A 8 1.27 3.01 -18.79
CA ALA A 8 0.74 3.90 -19.81
C ALA A 8 -0.61 3.37 -20.27
N LYS A 9 -0.66 2.06 -20.54
CA LYS A 9 -1.89 1.42 -21.01
C LYS A 9 -3.01 1.47 -19.97
N PHE A 10 -2.66 1.33 -18.70
CA PHE A 10 -3.66 1.37 -17.62
C PHE A 10 -4.20 2.78 -17.51
N LYS A 11 -3.31 3.76 -17.49
CA LYS A 11 -3.70 5.17 -17.39
C LYS A 11 -4.57 5.57 -18.57
N ALA A 12 -4.35 4.92 -19.70
CA ALA A 12 -5.11 5.21 -20.90
C ALA A 12 -6.60 4.97 -20.64
N HIS A 13 -6.91 4.09 -19.68
CA HIS A 13 -8.29 3.77 -19.31
C HIS A 13 -8.80 4.64 -18.17
N GLY A 14 -8.16 5.79 -17.94
CA GLY A 14 -8.58 6.66 -16.86
C GLY A 14 -8.04 6.35 -15.47
N LYS A 15 -7.19 5.34 -15.35
CA LYS A 15 -6.63 5.00 -14.03
C LYS A 15 -5.44 5.91 -13.72
N LYS A 16 -5.16 6.07 -12.43
CA LYS A 16 -4.08 6.94 -12.01
C LYS A 16 -2.67 6.39 -12.19
N TYR A 17 -2.50 5.09 -12.00
CA TYR A 17 -1.19 4.48 -12.14
C TYR A 17 -1.23 2.97 -11.97
N LEU A 18 -0.17 2.33 -12.45
CA LEU A 18 0.03 0.91 -12.27
C LEU A 18 1.51 1.03 -11.87
N GLY A 19 1.77 0.89 -10.58
CA GLY A 19 3.12 1.02 -10.07
C GLY A 19 3.75 -0.21 -9.45
N THR A 20 4.85 0.03 -8.73
CA THR A 20 5.58 -1.05 -8.07
C THR A 20 6.28 -0.47 -6.84
N ILE A 21 7.16 -1.25 -6.22
CA ILE A 21 7.86 -0.78 -5.04
C ILE A 21 9.35 -0.62 -5.29
N GLY A 22 10.04 -0.06 -4.30
CA GLY A 22 11.47 0.14 -4.42
C GLY A 22 12.12 0.70 -3.17
N ASP A 23 13.43 0.85 -3.25
CA ASP A 23 14.26 1.38 -2.18
C ASP A 23 15.68 1.35 -2.74
N GLN A 24 16.63 1.92 -2.02
CA GLN A 24 18.02 1.99 -2.50
C GLN A 24 18.59 0.75 -3.16
N TYR A 25 18.63 -0.35 -2.42
CA TYR A 25 19.19 -1.60 -2.93
C TYR A 25 18.66 -2.02 -4.31
N THR A 26 17.35 -2.24 -4.43
CA THR A 26 16.78 -2.69 -5.70
C THR A 26 16.88 -1.64 -6.81
N LEU A 27 16.88 -0.36 -6.45
CA LEU A 27 17.00 0.71 -7.44
C LEU A 27 18.43 0.79 -7.95
N THR A 28 19.37 0.18 -7.24
CA THR A 28 20.77 0.22 -7.65
C THR A 28 21.46 -1.14 -7.78
N LYS A 29 20.76 -2.23 -7.52
CA LYS A 29 21.39 -3.56 -7.59
C LYS A 29 21.85 -3.98 -8.98
N ASN A 30 21.26 -3.39 -10.01
CA ASN A 30 21.62 -3.68 -11.39
C ASN A 30 21.08 -2.57 -12.27
N THR A 31 21.20 -2.71 -13.58
CA THR A 31 20.73 -1.68 -14.52
C THR A 31 19.28 -1.85 -14.94
N LYS A 32 18.85 -3.10 -15.06
CA LYS A 32 17.50 -3.45 -15.48
C LYS A 32 16.38 -3.06 -14.52
N ASN A 33 16.56 -3.30 -13.23
CA ASN A 33 15.52 -2.98 -12.27
C ASN A 33 15.07 -1.52 -12.31
N PRO A 34 16.00 -0.56 -12.16
CA PRO A 34 15.56 0.83 -12.20
C PRO A 34 15.08 1.24 -13.60
N ALA A 35 15.56 0.55 -14.63
CA ALA A 35 15.17 0.82 -16.00
C ALA A 35 13.73 0.36 -16.23
N ILE A 36 13.39 -0.78 -15.64
CA ILE A 36 12.07 -1.35 -15.75
C ILE A 36 11.07 -0.41 -15.06
N ILE A 37 11.41 -0.02 -13.84
CA ILE A 37 10.58 0.87 -13.06
C ILE A 37 10.28 2.16 -13.78
N LYS A 38 11.30 2.76 -14.36
CA LYS A 38 11.16 4.02 -15.07
C LYS A 38 10.34 3.91 -16.36
N ALA A 39 10.47 2.78 -17.04
CA ALA A 39 9.76 2.59 -18.30
C ALA A 39 8.36 2.01 -18.25
N ASP A 40 8.12 1.07 -17.33
CA ASP A 40 6.82 0.41 -17.26
C ASP A 40 5.87 0.67 -16.09
N PHE A 41 6.30 1.42 -15.09
CA PHE A 41 5.45 1.69 -13.93
C PHE A 41 5.38 3.19 -13.69
N GLY A 42 4.28 3.65 -13.09
CA GLY A 42 4.13 5.09 -12.88
C GLY A 42 4.02 5.53 -11.44
N GLN A 43 4.22 4.60 -10.52
CA GLN A 43 4.13 4.90 -9.11
C GLN A 43 5.09 4.00 -8.31
N LEU A 44 5.47 4.47 -7.13
CA LEU A 44 6.39 3.76 -6.26
C LEU A 44 6.02 3.82 -4.79
N THR A 45 6.16 2.69 -4.12
CA THR A 45 5.91 2.57 -2.70
C THR A 45 7.22 2.09 -2.11
N PRO A 46 7.74 2.78 -1.07
CA PRO A 46 8.99 2.34 -0.46
C PRO A 46 8.73 0.97 0.17
N GLU A 47 9.54 -0.02 -0.14
CA GLU A 47 9.31 -1.35 0.42
C GLU A 47 9.50 -1.43 1.93
N ASN A 48 10.39 -0.60 2.48
CA ASN A 48 10.70 -0.62 3.92
C ASN A 48 11.17 0.69 4.54
N SER A 49 11.63 1.64 3.73
CA SER A 49 12.16 2.90 4.24
C SER A 49 11.26 3.88 5.01
N MET A 50 9.94 3.75 4.89
CA MET A 50 9.07 4.67 5.62
C MET A 50 8.40 4.06 6.85
N LYS A 51 8.68 2.79 7.12
CA LYS A 51 8.10 2.12 8.27
C LYS A 51 8.66 2.71 9.56
N TRP A 52 8.00 2.44 10.68
CA TRP A 52 8.42 2.99 11.97
C TRP A 52 9.84 2.60 12.37
N ASP A 53 10.18 1.33 12.19
CA ASP A 53 11.51 0.87 12.55
C ASP A 53 12.63 1.58 11.77
N ALA A 54 12.32 2.04 10.57
CA ALA A 54 13.31 2.71 9.75
C ALA A 54 13.29 4.23 9.80
N THR A 55 12.25 4.81 10.40
CA THR A 55 12.16 6.27 10.45
C THR A 55 12.35 6.84 11.85
N GLU A 56 11.89 6.12 12.85
CA GLU A 56 12.05 6.61 14.21
C GLU A 56 12.45 5.47 15.11
N PRO A 57 13.70 4.98 14.95
CA PRO A 57 14.29 3.87 15.71
C PRO A 57 14.36 4.14 17.20
N ASN A 58 14.45 5.43 17.55
CA ASN A 58 14.51 5.85 18.94
C ASN A 58 13.53 6.99 19.07
N ARG A 59 12.88 7.06 20.22
CA ARG A 59 11.90 8.10 20.51
C ARG A 59 12.37 9.51 20.16
N GLY A 60 11.64 10.15 19.25
CA GLY A 60 11.95 11.51 18.84
C GLY A 60 13.20 11.67 17.98
N GLN A 61 13.79 10.55 17.59
CA GLN A 61 14.99 10.57 16.76
C GLN A 61 14.73 9.84 15.47
N PHE A 62 14.76 10.62 14.40
CA PHE A 62 14.46 10.12 13.07
C PHE A 62 15.64 9.86 12.16
N THR A 63 15.47 8.86 11.31
CA THR A 63 16.49 8.45 10.36
C THR A 63 15.82 8.38 8.98
N PHE A 64 16.06 9.40 8.17
CA PHE A 64 15.43 9.51 6.85
C PHE A 64 16.26 9.30 5.60
N SER A 65 17.46 8.74 5.73
CA SER A 65 18.30 8.53 4.56
C SER A 65 17.65 7.59 3.52
N GLY A 66 17.08 6.48 3.99
CA GLY A 66 16.44 5.52 3.11
C GLY A 66 15.25 6.10 2.39
N SER A 67 14.32 6.67 3.16
CA SER A 67 13.11 7.27 2.62
C SER A 67 13.42 8.44 1.69
N ASP A 68 14.39 9.27 2.07
CA ASP A 68 14.77 10.43 1.25
C ASP A 68 15.13 9.98 -0.15
N TYR A 69 15.94 8.93 -0.21
CA TYR A 69 16.39 8.38 -1.47
C TYR A 69 15.26 7.88 -2.38
N LEU A 70 14.36 7.08 -1.83
CA LEU A 70 13.24 6.54 -2.58
C LEU A 70 12.37 7.69 -3.10
N VAL A 71 12.07 8.66 -2.25
CA VAL A 71 11.26 9.81 -2.63
C VAL A 71 11.97 10.60 -3.74
N ASN A 72 13.23 10.94 -3.52
CA ASN A 72 14.01 11.69 -4.49
C ASN A 72 14.05 10.96 -5.84
N PHE A 73 14.18 9.64 -5.81
CA PHE A 73 14.23 8.90 -7.08
C PHE A 73 12.88 9.02 -7.83
N ALA A 74 11.78 8.81 -7.12
CA ALA A 74 10.45 8.90 -7.71
C ALA A 74 10.16 10.29 -8.24
N GLN A 75 10.38 11.30 -7.40
CA GLN A 75 10.15 12.68 -7.81
C GLN A 75 11.02 13.04 -9.02
N SER A 76 12.25 12.56 -9.04
CA SER A 76 13.18 12.81 -10.13
C SER A 76 12.78 12.09 -11.40
N ASN A 77 11.92 11.08 -11.28
CA ASN A 77 11.51 10.31 -12.45
C ASN A 77 10.02 10.30 -12.75
N GLY A 78 9.33 11.30 -12.22
CA GLY A 78 7.91 11.43 -12.45
C GLY A 78 7.04 10.28 -12.02
N LYS A 79 7.38 9.63 -10.90
CA LYS A 79 6.59 8.52 -10.39
C LYS A 79 5.81 8.98 -9.16
N LEU A 80 4.52 8.65 -9.12
CA LEU A 80 3.68 9.01 -7.97
C LEU A 80 4.22 8.17 -6.81
N ILE A 81 4.00 8.64 -5.59
CA ILE A 81 4.49 7.93 -4.41
C ILE A 81 3.39 7.62 -3.43
N ARG A 82 3.41 6.42 -2.88
CA ARG A 82 2.46 6.04 -1.84
C ARG A 82 3.35 5.82 -0.62
N GLY A 83 3.15 6.65 0.40
CA GLY A 83 3.91 6.52 1.62
C GLY A 83 3.42 5.27 2.35
N HIS A 84 4.35 4.55 2.95
CA HIS A 84 3.98 3.32 3.62
C HIS A 84 5.05 2.98 4.66
N THR A 85 4.68 2.87 5.94
CA THR A 85 3.31 3.04 6.44
C THR A 85 3.42 3.65 7.84
N LEU A 86 2.58 4.63 8.12
CA LEU A 86 2.60 5.36 9.40
C LEU A 86 2.27 4.66 10.71
N VAL A 87 1.24 3.82 10.73
CA VAL A 87 0.84 3.14 11.97
C VAL A 87 0.65 1.65 11.70
N TRP A 88 1.50 0.84 12.31
CA TRP A 88 1.45 -0.60 12.10
C TRP A 88 1.99 -1.29 13.36
N HIS A 89 1.50 -2.50 13.60
CA HIS A 89 1.92 -3.29 14.76
C HIS A 89 3.21 -4.08 14.46
N SER A 90 3.51 -4.25 13.18
CA SER A 90 4.70 -4.98 12.73
C SER A 90 5.78 -3.97 12.33
N GLN A 91 7.04 -4.40 12.38
CA GLN A 91 8.18 -3.51 12.08
C GLN A 91 8.08 -2.22 12.88
N LEU A 92 7.70 -2.40 14.14
CA LEU A 92 7.50 -1.33 15.11
C LEU A 92 8.53 -1.48 16.25
N PRO A 93 9.31 -0.42 16.52
CA PRO A 93 10.33 -0.45 17.58
C PRO A 93 9.76 -0.77 18.96
N GLY A 94 10.51 -1.56 19.72
CA GLY A 94 10.08 -1.94 21.06
C GLY A 94 9.76 -0.76 21.95
N TRP A 95 10.40 0.38 21.71
CA TRP A 95 10.13 1.55 22.54
C TRP A 95 8.68 2.00 22.44
N VAL A 96 8.09 1.83 21.27
CA VAL A 96 6.71 2.23 21.05
C VAL A 96 5.76 1.24 21.75
N SER A 97 5.89 -0.03 21.39
CA SER A 97 5.04 -1.07 21.94
C SER A 97 5.09 -1.26 23.46
N SER A 98 6.06 -0.64 24.11
CA SER A 98 6.19 -0.78 25.57
C SER A 98 5.46 0.32 26.34
N ILE A 99 5.02 1.36 25.63
CA ILE A 99 4.30 2.45 26.26
C ILE A 99 2.94 1.96 26.77
N THR A 100 2.63 2.30 28.01
CA THR A 100 1.40 1.89 28.64
C THR A 100 0.46 3.07 28.90
N ASP A 101 1.01 4.27 28.86
CA ASP A 101 0.22 5.47 29.08
C ASP A 101 -0.41 5.97 27.79
N LYS A 102 -1.75 6.05 27.80
CA LYS A 102 -2.56 6.50 26.66
C LYS A 102 -2.10 7.83 26.06
N ASN A 103 -2.05 8.87 26.88
CA ASN A 103 -1.64 10.19 26.41
C ASN A 103 -0.21 10.18 25.88
N THR A 104 0.65 9.39 26.53
CA THR A 104 2.02 9.31 26.08
C THR A 104 2.02 8.68 24.69
N LEU A 105 1.24 7.61 24.52
CA LEU A 105 1.16 6.95 23.22
C LEU A 105 0.58 7.89 22.16
N ILE A 106 -0.44 8.66 22.52
CA ILE A 106 -1.05 9.58 21.56
C ILE A 106 -0.04 10.65 21.13
N SER A 107 0.76 11.13 22.07
CA SER A 107 1.78 12.14 21.79
C SER A 107 2.83 11.58 20.83
N VAL A 108 3.23 10.34 21.07
CA VAL A 108 4.23 9.66 20.26
C VAL A 108 3.70 9.43 18.83
N LEU A 109 2.47 8.91 18.75
CA LEU A 109 1.78 8.62 17.50
C LEU A 109 1.69 9.88 16.63
N LYS A 110 1.22 10.96 17.23
CA LYS A 110 1.07 12.23 16.53
C LYS A 110 2.39 12.79 16.04
N ASN A 111 3.43 12.70 16.88
CA ASN A 111 4.75 13.19 16.51
C ASN A 111 5.34 12.38 15.36
N HIS A 112 5.14 11.06 15.41
CA HIS A 112 5.66 10.22 14.35
C HIS A 112 4.99 10.55 13.02
N ILE A 113 3.66 10.62 13.04
CA ILE A 113 2.88 10.94 11.85
C ILE A 113 3.26 12.31 11.32
N THR A 114 3.31 13.30 12.23
CA THR A 114 3.64 14.67 11.88
C THR A 114 5.04 14.83 11.30
N THR A 115 6.05 14.25 11.95
CA THR A 115 7.40 14.36 11.44
C THR A 115 7.59 13.67 10.09
N VAL A 116 7.13 12.43 10.00
CA VAL A 116 7.28 11.68 8.74
C VAL A 116 6.52 12.33 7.58
N MET A 117 5.28 12.74 7.83
CA MET A 117 4.45 13.37 6.79
C MET A 117 4.90 14.76 6.41
N THR A 118 5.38 15.52 7.40
CA THR A 118 5.84 16.87 7.16
C THR A 118 7.05 16.88 6.26
N ARG A 119 7.93 15.90 6.44
CA ARG A 119 9.14 15.85 5.64
C ARG A 119 8.89 15.70 4.15
N TYR A 120 7.83 14.98 3.79
CA TYR A 120 7.50 14.78 2.37
C TYR A 120 6.19 15.46 2.01
N LYS A 121 5.82 16.46 2.78
CA LYS A 121 4.58 17.19 2.55
C LYS A 121 4.42 17.70 1.11
N GLY A 122 3.36 17.24 0.46
CA GLY A 122 3.10 17.66 -0.91
C GLY A 122 3.72 16.81 -2.00
N LYS A 123 4.49 15.80 -1.61
CA LYS A 123 5.15 14.92 -2.57
C LYS A 123 4.53 13.53 -2.61
N ILE A 124 3.67 13.26 -1.63
CA ILE A 124 3.04 11.96 -1.51
C ILE A 124 1.61 11.94 -2.09
N TYR A 125 1.35 11.00 -2.98
CA TYR A 125 0.02 10.88 -3.56
C TYR A 125 -0.90 10.34 -2.49
N ALA A 126 -0.49 9.24 -1.85
CA ALA A 126 -1.28 8.61 -0.82
C ALA A 126 -0.42 8.07 0.29
N TRP A 127 -0.98 8.02 1.49
CA TRP A 127 -0.31 7.50 2.67
C TRP A 127 -1.12 6.36 3.25
N ASP A 128 -0.45 5.27 3.60
CA ASP A 128 -1.13 4.16 4.26
C ASP A 128 -0.99 4.61 5.71
N VAL A 129 -1.98 5.35 6.18
CA VAL A 129 -1.97 5.86 7.54
C VAL A 129 -1.99 4.72 8.54
N LEU A 130 -2.88 3.76 8.33
CA LEU A 130 -3.00 2.60 9.21
C LEU A 130 -2.82 1.36 8.38
N ASN A 131 -2.07 0.39 8.91
CA ASN A 131 -1.85 -0.85 8.20
C ASN A 131 -2.20 -2.06 9.05
N GLU A 132 -2.92 -3.00 8.44
CA GLU A 132 -3.34 -4.25 9.07
C GLU A 132 -3.91 -4.15 10.48
N ILE A 133 -4.96 -3.34 10.65
CA ILE A 133 -5.54 -3.17 11.97
C ILE A 133 -6.70 -4.12 12.27
N PHE A 134 -6.92 -5.11 11.40
CA PHE A 134 -8.02 -6.05 11.60
C PHE A 134 -7.62 -7.50 11.79
N ASN A 135 -8.44 -8.20 12.57
CA ASN A 135 -8.26 -9.61 12.82
C ASN A 135 -9.03 -10.22 11.65
N GLU A 136 -8.74 -11.47 11.30
CA GLU A 136 -9.42 -12.11 10.18
C GLU A 136 -10.94 -12.11 10.30
N ASP A 137 -11.44 -12.14 11.54
CA ASP A 137 -12.89 -12.15 11.77
C ASP A 137 -13.55 -10.78 11.67
N GLY A 138 -12.76 -9.76 11.34
CA GLY A 138 -13.31 -8.42 11.20
C GLY A 138 -13.21 -7.55 12.42
N SER A 139 -12.81 -8.12 13.56
CA SER A 139 -12.67 -7.33 14.78
C SER A 139 -11.35 -6.58 14.74
N LEU A 140 -11.24 -5.56 15.58
CA LEU A 140 -10.02 -4.76 15.63
C LEU A 140 -8.87 -5.51 16.27
N ARG A 141 -7.72 -5.47 15.61
CA ARG A 141 -6.52 -6.13 16.06
C ARG A 141 -6.02 -5.46 17.35
N ASN A 142 -5.79 -6.27 18.38
CA ASN A 142 -5.32 -5.76 19.66
C ASN A 142 -3.83 -5.45 19.67
N SER A 143 -3.45 -4.42 18.92
CA SER A 143 -2.07 -3.97 18.86
C SER A 143 -1.89 -3.03 20.05
N VAL A 144 -0.68 -2.56 20.25
CA VAL A 144 -0.43 -1.64 21.35
C VAL A 144 -1.34 -0.43 21.19
N PHE A 145 -1.48 0.09 19.98
CA PHE A 145 -2.32 1.26 19.72
C PHE A 145 -3.76 1.02 20.15
N TYR A 146 -4.31 -0.11 19.73
CA TYR A 146 -5.67 -0.47 20.09
C TYR A 146 -5.80 -0.72 21.59
N ASN A 147 -4.89 -1.52 22.14
CA ASN A 147 -4.90 -1.82 23.57
C ASN A 147 -4.79 -0.59 24.46
N VAL A 148 -3.77 0.24 24.20
CA VAL A 148 -3.50 1.45 24.98
C VAL A 148 -4.44 2.64 24.72
N ILE A 149 -4.61 3.01 23.46
CA ILE A 149 -5.47 4.16 23.14
C ILE A 149 -6.93 3.77 22.95
N GLY A 150 -7.17 2.60 22.36
CA GLY A 150 -8.52 2.17 22.09
C GLY A 150 -8.86 2.55 20.66
N GLU A 151 -10.09 2.25 20.24
CA GLU A 151 -10.52 2.55 18.87
C GLU A 151 -10.38 4.01 18.43
N ASP A 152 -10.21 4.90 19.39
CA ASP A 152 -10.07 6.32 19.08
C ASP A 152 -8.74 6.62 18.37
N TYR A 153 -7.83 5.65 18.33
CA TYR A 153 -6.56 5.89 17.67
C TYR A 153 -6.77 6.06 16.17
N VAL A 154 -7.82 5.40 15.66
CA VAL A 154 -8.14 5.50 14.23
C VAL A 154 -8.45 6.94 13.87
N ARG A 155 -9.28 7.59 14.69
CA ARG A 155 -9.63 8.99 14.44
C ARG A 155 -8.39 9.86 14.56
N ILE A 156 -7.65 9.67 15.66
CA ILE A 156 -6.45 10.43 15.93
C ILE A 156 -5.45 10.38 14.78
N ALA A 157 -5.18 9.17 14.29
CA ALA A 157 -4.24 9.00 13.20
C ALA A 157 -4.66 9.76 11.95
N PHE A 158 -5.88 9.52 11.49
CA PHE A 158 -6.38 10.18 10.28
C PHE A 158 -6.51 11.69 10.37
N GLU A 159 -7.04 12.18 11.48
CA GLU A 159 -7.19 13.62 11.64
C GLU A 159 -5.83 14.31 11.65
N THR A 160 -4.86 13.68 12.30
CA THR A 160 -3.51 14.23 12.37
C THR A 160 -2.93 14.27 10.96
N ALA A 161 -3.01 13.15 10.25
CA ALA A 161 -2.51 13.05 8.88
C ALA A 161 -3.17 14.10 7.99
N ARG A 162 -4.50 14.21 8.12
CA ARG A 162 -5.29 15.16 7.36
C ARG A 162 -4.80 16.60 7.51
N SER A 163 -4.55 17.02 8.74
CA SER A 163 -4.07 18.37 8.98
C SER A 163 -2.62 18.61 8.59
N VAL A 164 -1.78 17.59 8.77
CA VAL A 164 -0.36 17.73 8.44
C VAL A 164 -0.15 17.86 6.94
N ASP A 165 -0.85 17.03 6.16
CA ASP A 165 -0.71 17.11 4.70
C ASP A 165 -2.05 16.88 4.03
N PRO A 166 -2.85 17.94 3.91
CA PRO A 166 -4.18 17.86 3.29
C PRO A 166 -4.16 17.46 1.81
N ASN A 167 -2.97 17.37 1.23
CA ASN A 167 -2.85 17.00 -0.18
C ASN A 167 -2.76 15.49 -0.44
N ALA A 168 -2.42 14.72 0.59
CA ALA A 168 -2.31 13.28 0.42
C ALA A 168 -3.64 12.57 0.65
N LYS A 169 -3.83 11.45 -0.06
CA LYS A 169 -5.02 10.62 0.10
C LYS A 169 -4.73 9.75 1.32
N LEU A 170 -5.63 9.78 2.29
CA LEU A 170 -5.44 9.01 3.52
C LEU A 170 -6.07 7.62 3.39
N TYR A 171 -5.23 6.59 3.46
CA TYR A 171 -5.66 5.21 3.32
C TYR A 171 -5.55 4.33 4.56
N ILE A 172 -6.39 3.29 4.58
CA ILE A 172 -6.37 2.27 5.61
C ILE A 172 -6.05 1.05 4.72
N ASN A 173 -4.96 0.37 5.01
CA ASN A 173 -4.51 -0.75 4.18
C ASN A 173 -4.60 -2.07 4.92
N ASP A 174 -4.89 -3.15 4.20
CA ASP A 174 -4.98 -4.47 4.83
C ASP A 174 -4.99 -5.58 3.79
N TYR A 175 -4.64 -6.78 4.23
CA TYR A 175 -4.60 -7.95 3.36
C TYR A 175 -5.77 -8.87 3.64
N ASN A 176 -5.99 -9.84 2.76
CA ASN A 176 -7.08 -10.79 2.88
C ASN A 176 -8.47 -10.20 2.65
N LEU A 177 -8.52 -9.11 1.90
CA LEU A 177 -9.77 -8.45 1.53
C LEU A 177 -9.89 -8.89 0.07
N ASP A 178 -9.77 -10.19 -0.15
CA ASP A 178 -9.74 -10.74 -1.49
C ASP A 178 -10.97 -11.43 -2.07
N SER A 179 -12.03 -11.50 -1.29
CA SER A 179 -13.26 -12.09 -1.80
C SER A 179 -14.43 -11.53 -1.03
N ALA A 180 -15.45 -11.08 -1.77
CA ALA A 180 -16.64 -10.51 -1.17
C ALA A 180 -17.24 -11.60 -0.27
N GLY A 181 -17.67 -11.21 0.91
CA GLY A 181 -18.26 -12.17 1.82
C GLY A 181 -17.29 -12.57 2.92
N TYR A 182 -16.00 -12.38 2.67
CA TYR A 182 -14.99 -12.72 3.67
C TYR A 182 -15.14 -11.83 4.91
N SER A 183 -15.07 -12.44 6.08
CA SER A 183 -15.19 -11.77 7.37
C SER A 183 -14.38 -10.48 7.51
N LYS A 184 -13.15 -10.50 7.02
CA LYS A 184 -12.27 -9.33 7.11
C LYS A 184 -12.78 -8.22 6.20
N VAL A 185 -13.33 -8.60 5.05
CA VAL A 185 -13.88 -7.64 4.10
C VAL A 185 -15.12 -6.99 4.72
N ASN A 186 -15.94 -7.79 5.39
CA ASN A 186 -17.13 -7.28 6.06
C ASN A 186 -16.74 -6.35 7.22
N GLY A 187 -15.72 -6.73 7.98
CA GLY A 187 -15.25 -5.91 9.09
C GLY A 187 -14.69 -4.58 8.60
N MET A 188 -13.98 -4.62 7.48
CA MET A 188 -13.41 -3.41 6.88
C MET A 188 -14.55 -2.47 6.43
N VAL A 189 -15.51 -3.01 5.69
CA VAL A 189 -16.63 -2.23 5.19
C VAL A 189 -17.50 -1.59 6.28
N SER A 190 -17.87 -2.37 7.27
CA SER A 190 -18.71 -1.85 8.34
C SER A 190 -18.00 -0.82 9.20
N HIS A 191 -16.74 -1.07 9.54
CA HIS A 191 -15.98 -0.13 10.37
C HIS A 191 -15.78 1.20 9.65
N VAL A 192 -15.39 1.13 8.38
CA VAL A 192 -15.17 2.36 7.60
C VAL A 192 -16.46 3.16 7.44
N LYS A 193 -17.59 2.48 7.25
CA LYS A 193 -18.88 3.16 7.12
C LYS A 193 -19.12 3.97 8.38
N LYS A 194 -18.87 3.35 9.52
CA LYS A 194 -19.03 3.98 10.83
C LYS A 194 -18.07 5.16 11.00
N TRP A 195 -16.79 4.94 10.68
CA TRP A 195 -15.78 5.99 10.80
C TRP A 195 -16.06 7.17 9.88
N LEU A 196 -16.43 6.90 8.63
CA LEU A 196 -16.75 7.98 7.70
C LEU A 196 -17.96 8.77 8.23
N ALA A 197 -18.97 8.07 8.71
CA ALA A 197 -20.17 8.72 9.25
C ALA A 197 -19.83 9.57 10.48
N ALA A 198 -18.73 9.22 11.14
CA ALA A 198 -18.28 9.95 12.33
C ALA A 198 -17.41 11.13 11.95
N GLY A 199 -17.00 11.22 10.69
CA GLY A 199 -16.19 12.34 10.25
C GLY A 199 -14.70 12.08 10.13
N ILE A 200 -14.30 10.84 10.35
CA ILE A 200 -12.90 10.46 10.25
C ILE A 200 -12.51 10.54 8.78
N PRO A 201 -11.49 11.35 8.48
CA PRO A 201 -10.97 11.58 7.12
C PRO A 201 -10.26 10.41 6.43
N ILE A 202 -11.03 9.39 6.04
CA ILE A 202 -10.47 8.23 5.34
C ILE A 202 -10.81 8.32 3.84
N ASP A 203 -9.84 8.71 3.02
CA ASP A 203 -10.05 8.86 1.59
C ASP A 203 -10.13 7.57 0.79
N GLY A 204 -9.39 6.55 1.22
CA GLY A 204 -9.41 5.31 0.48
C GLY A 204 -9.10 4.09 1.31
N ILE A 205 -9.39 2.93 0.74
CA ILE A 205 -9.13 1.64 1.37
C ILE A 205 -8.13 0.99 0.44
N GLY A 206 -7.04 0.48 1.01
CA GLY A 206 -6.03 -0.19 0.23
C GLY A 206 -6.14 -1.67 0.49
N SER A 207 -6.21 -2.46 -0.58
CA SER A 207 -6.30 -3.91 -0.44
C SER A 207 -4.97 -4.44 -0.95
N GLN A 208 -4.19 -5.00 -0.04
CA GLN A 208 -2.87 -5.53 -0.39
C GLN A 208 -2.93 -6.49 -1.55
N THR A 209 -3.73 -7.53 -1.43
CA THR A 209 -3.89 -8.52 -2.48
C THR A 209 -2.67 -9.43 -2.69
N HIS A 210 -2.26 -10.09 -1.62
CA HIS A 210 -1.15 -11.03 -1.71
C HIS A 210 -1.88 -12.35 -1.91
N LEU A 211 -1.93 -12.80 -3.16
CA LEU A 211 -2.67 -14.00 -3.53
C LEU A 211 -1.92 -15.28 -3.82
N GLY A 212 -2.67 -16.38 -3.69
CA GLY A 212 -2.17 -17.70 -4.02
C GLY A 212 -2.62 -17.90 -5.46
N ALA A 213 -2.19 -18.98 -6.09
CA ALA A 213 -2.58 -19.24 -7.47
C ALA A 213 -4.09 -19.50 -7.49
N GLY A 214 -4.75 -19.03 -8.55
CA GLY A 214 -6.18 -19.21 -8.72
C GLY A 214 -7.12 -18.26 -7.98
N ALA A 215 -6.58 -17.42 -7.10
CA ALA A 215 -7.42 -16.50 -6.34
C ALA A 215 -7.73 -15.19 -7.06
N GLY A 216 -7.18 -15.01 -8.26
CA GLY A 216 -7.42 -13.79 -9.00
C GLY A 216 -8.87 -13.44 -9.30
N SER A 217 -9.63 -14.43 -9.77
CA SER A 217 -11.03 -14.25 -10.13
C SER A 217 -11.95 -13.69 -9.04
N ALA A 218 -11.63 -13.92 -7.77
CA ALA A 218 -12.48 -13.44 -6.69
C ALA A 218 -12.25 -11.98 -6.30
N VAL A 219 -11.13 -11.42 -6.77
CA VAL A 219 -10.76 -10.03 -6.46
C VAL A 219 -11.78 -8.98 -6.93
N ALA A 220 -12.35 -9.17 -8.13
CA ALA A 220 -13.35 -8.24 -8.66
C ALA A 220 -14.50 -7.97 -7.70
N GLY A 221 -15.12 -9.02 -7.19
CA GLY A 221 -16.21 -8.89 -6.24
C GLY A 221 -15.77 -8.33 -4.92
N ALA A 222 -14.52 -8.62 -4.54
CA ALA A 222 -13.95 -8.10 -3.28
C ALA A 222 -13.91 -6.59 -3.39
N LEU A 223 -13.41 -6.10 -4.52
CA LEU A 223 -13.33 -4.68 -4.76
C LEU A 223 -14.72 -4.08 -4.77
N ASN A 224 -15.68 -4.80 -5.33
CA ASN A 224 -17.08 -4.34 -5.38
C ASN A 224 -17.63 -4.19 -3.96
N ALA A 225 -17.29 -5.14 -3.10
CA ALA A 225 -17.73 -5.09 -1.71
C ALA A 225 -17.07 -3.95 -0.94
N LEU A 226 -15.78 -3.70 -1.19
CA LEU A 226 -15.06 -2.62 -0.52
C LEU A 226 -15.62 -1.26 -0.92
N ALA A 227 -16.06 -1.16 -2.17
CA ALA A 227 -16.62 0.08 -2.70
C ALA A 227 -17.86 0.53 -1.93
N SER A 228 -18.53 -0.39 -1.24
CA SER A 228 -19.71 -0.05 -0.47
C SER A 228 -19.39 0.65 0.86
N ALA A 229 -18.13 0.65 1.26
CA ALA A 229 -17.73 1.30 2.50
C ALA A 229 -17.98 2.81 2.37
N GLY A 230 -17.97 3.29 1.12
CA GLY A 230 -18.22 4.70 0.87
C GLY A 230 -17.01 5.62 0.85
N THR A 231 -15.82 5.08 0.57
CA THR A 231 -14.63 5.93 0.51
C THR A 231 -14.55 6.59 -0.87
N LYS A 232 -13.76 7.65 -0.98
CA LYS A 232 -13.58 8.35 -2.24
C LYS A 232 -13.03 7.37 -3.29
N GLU A 233 -12.05 6.57 -2.87
CA GLU A 233 -11.42 5.62 -3.76
C GLU A 233 -10.94 4.38 -3.02
N ILE A 234 -10.41 3.44 -3.79
CA ILE A 234 -9.85 2.20 -3.26
C ILE A 234 -8.69 1.87 -4.21
N ALA A 235 -7.81 0.96 -3.79
CA ALA A 235 -6.67 0.59 -4.62
C ALA A 235 -6.07 -0.74 -4.22
N ILE A 236 -5.48 -1.42 -5.21
CA ILE A 236 -4.79 -2.68 -4.98
C ILE A 236 -3.39 -2.16 -4.72
N THR A 237 -2.94 -2.34 -3.48
CA THR A 237 -1.67 -1.82 -3.02
C THR A 237 -0.40 -2.68 -2.99
N GLU A 238 -0.53 -3.99 -2.83
CA GLU A 238 0.67 -4.84 -2.74
C GLU A 238 0.50 -6.17 -3.47
N LEU A 239 0.18 -6.07 -4.76
CA LEU A 239 -0.07 -7.23 -5.58
C LEU A 239 1.07 -8.17 -5.95
N ASP A 240 0.83 -9.46 -5.70
CA ASP A 240 1.71 -10.55 -6.09
C ASP A 240 0.87 -11.83 -6.05
N ILE A 241 1.08 -12.72 -7.02
CA ILE A 241 0.30 -13.95 -7.10
C ILE A 241 1.22 -15.14 -7.32
N ALA A 242 1.23 -16.07 -6.37
CA ALA A 242 2.05 -17.27 -6.50
C ALA A 242 1.78 -17.87 -7.88
N GLY A 243 2.85 -18.21 -8.59
CA GLY A 243 2.72 -18.80 -9.92
C GLY A 243 2.70 -17.75 -11.02
N ALA A 244 2.27 -16.54 -10.68
CA ALA A 244 2.20 -15.41 -11.59
C ALA A 244 1.57 -15.74 -12.96
N SER A 245 0.51 -16.54 -12.94
CA SER A 245 -0.19 -16.91 -14.15
C SER A 245 -0.85 -15.71 -14.79
N SER A 246 -0.95 -15.71 -16.11
CA SER A 246 -1.57 -14.63 -16.85
C SER A 246 -3.05 -14.49 -16.46
N THR A 247 -3.74 -15.61 -16.28
CA THR A 247 -5.16 -15.59 -15.91
C THR A 247 -5.36 -14.85 -14.59
N ASP A 248 -4.57 -15.21 -13.57
CA ASP A 248 -4.66 -14.57 -12.25
C ASP A 248 -4.40 -13.08 -12.35
N TYR A 249 -3.34 -12.72 -13.06
CA TYR A 249 -2.97 -11.32 -13.22
C TYR A 249 -3.97 -10.51 -14.02
N VAL A 250 -4.43 -11.05 -15.15
CA VAL A 250 -5.42 -10.34 -15.97
C VAL A 250 -6.74 -10.20 -15.21
N ASN A 251 -7.09 -11.20 -14.41
CA ASN A 251 -8.31 -11.14 -13.62
C ASN A 251 -8.22 -9.99 -12.62
N VAL A 252 -7.07 -9.87 -11.96
CA VAL A 252 -6.86 -8.81 -10.98
C VAL A 252 -6.83 -7.44 -11.66
N VAL A 253 -6.15 -7.33 -12.78
CA VAL A 253 -6.08 -6.05 -13.50
C VAL A 253 -7.49 -5.64 -13.92
N ASN A 254 -8.27 -6.61 -14.42
CA ASN A 254 -9.65 -6.35 -14.84
C ASN A 254 -10.53 -6.02 -13.64
N ALA A 255 -10.26 -6.65 -12.50
CA ALA A 255 -11.02 -6.38 -11.29
C ALA A 255 -10.96 -4.90 -10.95
N CYS A 256 -9.77 -4.30 -11.10
CA CYS A 256 -9.57 -2.88 -10.82
C CYS A 256 -10.09 -2.01 -11.96
N LEU A 257 -9.85 -2.46 -13.18
CA LEU A 257 -10.26 -1.73 -14.36
C LEU A 257 -11.78 -1.52 -14.42
N ASN A 258 -12.52 -2.55 -14.06
CA ASN A 258 -13.97 -2.51 -14.11
C ASN A 258 -14.67 -2.01 -12.87
N GLN A 259 -13.89 -1.43 -11.95
CA GLN A 259 -14.44 -0.88 -10.72
C GLN A 259 -14.02 0.59 -10.71
N ALA A 260 -15.00 1.48 -10.75
CA ALA A 260 -14.78 2.93 -10.79
C ALA A 260 -13.90 3.51 -9.69
N LYS A 261 -14.07 3.01 -8.48
CA LYS A 261 -13.30 3.50 -7.33
C LYS A 261 -11.83 3.10 -7.31
N CYS A 262 -11.48 2.02 -7.99
CA CYS A 262 -10.10 1.56 -8.01
C CYS A 262 -9.24 2.52 -8.83
N VAL A 263 -8.43 3.32 -8.15
CA VAL A 263 -7.58 4.29 -8.83
C VAL A 263 -6.27 3.74 -9.40
N GLY A 264 -5.77 2.65 -8.82
CA GLY A 264 -4.53 2.09 -9.32
C GLY A 264 -4.16 0.75 -8.72
N ILE A 265 -3.06 0.20 -9.23
CA ILE A 265 -2.54 -1.08 -8.79
C ILE A 265 -1.05 -0.92 -8.56
N THR A 266 -0.56 -1.48 -7.46
CA THR A 266 0.85 -1.45 -7.13
C THR A 266 1.26 -2.90 -6.97
N VAL A 267 2.20 -3.35 -7.79
CA VAL A 267 2.69 -4.73 -7.69
C VAL A 267 3.81 -4.69 -6.64
N TRP A 268 3.78 -5.62 -5.69
CA TRP A 268 4.78 -5.67 -4.62
C TRP A 268 6.14 -6.22 -5.09
N GLY A 269 6.80 -5.46 -5.95
CA GLY A 269 8.08 -5.87 -6.46
C GLY A 269 8.11 -5.85 -7.97
N VAL A 270 9.31 -5.86 -8.53
CA VAL A 270 9.49 -5.85 -9.97
C VAL A 270 9.84 -7.25 -10.47
N ALA A 271 10.93 -7.81 -9.95
CA ALA A 271 11.39 -9.14 -10.37
C ALA A 271 11.40 -10.15 -9.25
N ASP A 272 11.06 -11.39 -9.60
CA ASP A 272 11.01 -12.51 -8.67
C ASP A 272 12.10 -12.62 -7.59
N PRO A 273 13.39 -12.52 -7.98
CA PRO A 273 14.46 -12.62 -6.98
C PRO A 273 14.38 -11.61 -5.85
N ASP A 274 13.77 -10.46 -6.10
CA ASP A 274 13.65 -9.43 -5.09
C ASP A 274 12.32 -9.45 -4.36
N SER A 275 11.50 -10.44 -4.67
CA SER A 275 10.20 -10.59 -4.04
C SER A 275 10.31 -11.16 -2.64
N TRP A 276 9.51 -10.61 -1.72
CA TRP A 276 9.49 -11.08 -0.34
C TRP A 276 8.87 -12.48 -0.26
N ARG A 277 8.35 -12.96 -1.39
CA ARG A 277 7.74 -14.29 -1.56
C ARG A 277 8.38 -14.91 -2.81
N SER A 278 9.69 -14.70 -2.95
CA SER A 278 10.45 -15.16 -4.12
C SER A 278 10.33 -16.63 -4.50
N SER A 279 10.17 -17.52 -3.52
CA SER A 279 10.06 -18.95 -3.82
C SER A 279 8.82 -19.29 -4.64
N SER A 280 7.85 -18.39 -4.64
CA SER A 280 6.63 -18.62 -5.39
C SER A 280 6.64 -17.87 -6.73
N SER A 281 7.75 -17.21 -7.05
CA SER A 281 7.89 -16.45 -8.30
C SER A 281 6.58 -15.72 -8.55
N PRO A 282 6.15 -14.87 -7.61
CA PRO A 282 4.91 -14.12 -7.68
C PRO A 282 4.85 -12.80 -8.48
N LEU A 283 5.95 -12.44 -9.14
CA LEU A 283 5.99 -11.17 -9.87
C LEU A 283 5.95 -11.21 -11.40
N LEU A 284 5.93 -10.02 -12.01
CA LEU A 284 5.84 -9.86 -13.47
C LEU A 284 7.12 -9.98 -14.29
N PHE A 285 8.27 -9.91 -13.62
CA PHE A 285 9.56 -10.05 -14.28
C PHE A 285 10.30 -11.19 -13.60
N ASP A 286 11.02 -11.97 -14.37
CA ASP A 286 11.75 -13.12 -13.84
C ASP A 286 13.14 -12.82 -13.26
N GLY A 287 13.85 -13.90 -12.94
CA GLY A 287 15.18 -13.82 -12.38
C GLY A 287 16.20 -13.11 -13.27
N ASN A 288 15.86 -12.94 -14.54
CA ASN A 288 16.75 -12.26 -15.47
C ASN A 288 16.26 -10.85 -15.71
N TYR A 289 15.30 -10.42 -14.91
CA TYR A 289 14.71 -9.09 -15.02
C TYR A 289 14.04 -8.87 -16.37
N ASN A 290 13.52 -9.96 -16.91
CA ASN A 290 12.82 -9.97 -18.20
C ASN A 290 11.33 -10.18 -17.97
N PRO A 291 10.48 -9.57 -18.82
CA PRO A 291 9.03 -9.71 -18.70
C PRO A 291 8.60 -11.16 -18.79
N LYS A 292 7.62 -11.52 -17.97
CA LYS A 292 7.07 -12.86 -17.97
C LYS A 292 5.78 -12.80 -18.80
N ALA A 293 5.15 -13.95 -19.03
CA ALA A 293 3.93 -14.02 -19.82
C ALA A 293 2.83 -13.11 -19.27
N ALA A 294 2.65 -13.14 -17.95
CA ALA A 294 1.65 -12.32 -17.28
C ALA A 294 1.78 -10.84 -17.61
N TYR A 295 3.02 -10.36 -17.70
CA TYR A 295 3.25 -8.96 -18.01
C TYR A 295 2.67 -8.63 -19.38
N ASN A 296 2.96 -9.50 -20.35
CA ASN A 296 2.46 -9.31 -21.70
C ASN A 296 0.94 -9.50 -21.73
N ALA A 297 0.44 -10.49 -21.00
CA ALA A 297 -1.00 -10.76 -20.95
C ALA A 297 -1.71 -9.50 -20.49
N ILE A 298 -1.18 -8.89 -19.43
CA ILE A 298 -1.74 -7.66 -18.87
C ILE A 298 -1.77 -6.57 -19.93
N ALA A 299 -0.65 -6.38 -20.62
CA ALA A 299 -0.54 -5.36 -21.66
C ALA A 299 -1.55 -5.58 -22.77
N ASN A 300 -1.80 -6.85 -23.11
CA ASN A 300 -2.75 -7.17 -24.17
C ASN A 300 -4.21 -7.08 -23.72
N ALA A 301 -4.44 -7.08 -22.41
CA ALA A 301 -5.80 -6.98 -21.88
C ALA A 301 -6.22 -5.54 -21.76
N LEU A 302 -5.25 -4.63 -21.87
CA LEU A 302 -5.50 -3.21 -21.77
C LEU A 302 -5.41 -2.56 -23.14
#